data_8I46
#
_entry.id   8I46
#
loop_
_entity.id
_entity.type
_entity.pdbx_description
1 polymer RNA-G-3AU-uucg
2 non-polymer 1-cyclopropyl-N-[3-(dimethylamino)propyl]-7-(4-ethylpiperazin-1-yl)-6-fluoranyl-4-oxidanylidene-quinoline-3-carboxamide
#
_entity_poly.entity_id   1
_entity_poly.type   'polyribonucleotide'
_entity_poly.pdbx_seq_one_letter_code
;GGAUGCUUUCGAGCGAUCC
;
_entity_poly.pdbx_strand_id   A
#
loop_
_chem_comp.id
_chem_comp.type
_chem_comp.name
_chem_comp.formula
53D non-polymer 1-cyclopropyl-N-[3-(dimethylamino)propyl]-7-(4-ethylpiperazin-1-yl)-6-fluoranyl-4-oxidanylidene-quinoline-3-carboxamide 'C24 H34 F N5 O2'
A RNA linking ADENOSINE-5'-MONOPHOSPHATE 'C10 H14 N5 O7 P'
C RNA linking CYTIDINE-5'-MONOPHOSPHATE 'C9 H14 N3 O8 P'
G RNA linking GUANOSINE-5'-MONOPHOSPHATE 'C10 H14 N5 O8 P'
U RNA linking URIDINE-5'-MONOPHOSPHATE 'C9 H13 N2 O9 P'
#
# COMPACT_ATOMS: atom_id res chain seq x y z
C5 53D B . 0.32 -1.10 1.35
C2 53D B . 0.13 1.28 -0.20
C7 53D B . 0.10 2.48 -0.94
N14 53D B . 1.22 4.20 -2.34
C13 53D B . -2.84 1.56 -0.81
C8 53D B . 1.23 2.93 -1.57
C4 53D B . 1.49 -0.68 0.64
C3 53D B . 1.35 0.57 -0.14
C21 53D B . -3.92 4.00 -3.13
C20 53D B . -3.05 5.25 -3.15
C18 53D B . -0.52 4.97 -4.01
N17 53D B . -1.56 4.80 -2.91
C16 53D B . -0.97 5.30 -1.60
C19 53D B . 0.66 4.04 -3.75
C15 53D B . 0.55 5.35 -1.59
C12 53D B . -3.60 0.77 0.21
C28 53D B . 3.54 -5.79 3.85
C29 53D B . 2.77 -8.14 3.69
N27 53D B . 2.45 -6.76 4.23
C26 53D B . 1.07 -6.30 3.77
C25 53D B . 1.10 -4.97 3.01
C24 53D B . -0.31 -4.66 2.46
O22 53D B . 0.83 -2.30 3.32
N23 53D B . -0.38 -3.40 1.77
C11 53D B . -2.27 1.37 0.55
C22 53D B . 0.24 -2.30 2.23
O4 53D B . 2.58 -1.27 0.65
F9 53D B . 3.52 2.69 -2.16
C6 53D B . -0.82 -0.37 1.23
N1 53D B . -0.96 0.76 0.49
C10 53D B . 2.48 1.04 -0.80
C9 53D B . 2.41 2.19 -1.50
H7 53D B . -0.81 3.09 -1.02
H132 53D B . -3.23 2.57 -1.09
H131 53D B . -2.26 1.29 -1.69
H211 53D B . -5.00 4.28 -3.01
H213 53D B . -3.60 3.36 -2.29
H212 53D B . -3.80 3.44 -4.09
H202 53D B . -3.42 5.90 -2.33
H201 53D B . -3.21 5.77 -4.13
H181 53D B . -0.91 4.69 -5.01
H182 53D B . -0.12 6.01 -4.00
H161 53D B . -1.30 6.34 -1.40
H162 53D B . -1.32 4.61 -0.79
H192 53D B . 0.31 2.99 -3.89
H191 53D B . 1.47 4.29 -4.48
H152 53D B . 0.87 6.30 -2.06
H151 53D B . 0.88 5.31 -0.52
H121 53D B . -4.50 1.20 0.65
H122 53D B . -4.03 -0.22 0.25
H282 53D B . 4.39 -5.88 4.57
H281 53D B . 3.14 -4.75 3.90
H283 53D B . 3.90 -6.01 2.82
H291 53D B . 3.22 -8.05 2.68
H293 53D B . 3.48 -8.64 4.37
H292 53D B . 1.83 -8.73 3.62
H261 53D B . 0.45 -6.19 4.70
H262 53D B . 0.64 -7.11 3.13
H252 53D B . 1.81 -5.02 2.14
H251 53D B . 1.42 -4.11 3.66
H242 53D B . -0.99 -4.58 3.37
H241 53D B . -0.57 -5.48 1.72
H23 53D B . -0.86 -3.35 0.88
H11 53D B . -1.90 2.07 1.24
H6 53D B . -1.71 -0.69 1.78
H10 53D B . 3.43 0.47 -0.74
H17 53D B . -1.66 3.78 -2.77
H27 53D B . 2.43 -6.81 5.26
H14 53D B . 2.22 4.46 -2.45
C5 53D B . 0.29 -1.28 1.54
C2 53D B . -0.05 1.11 0.03
C7 53D B . -0.17 2.33 -0.69
N14 53D B . 0.83 4.11 -2.11
C13 53D B . -3.05 1.26 -0.47
C8 53D B . 0.93 2.82 -1.36
C4 53D B . 1.41 -0.80 0.78
C3 53D B . 1.20 0.46 0.04
C21 53D B . -4.33 3.88 -2.38
C20 53D B . -3.47 5.13 -2.58
C18 53D B . -1.06 4.81 -3.69
N17 53D B . -1.96 4.72 -2.46
C16 53D B . -1.26 5.34 -1.26
C19 53D B . 0.18 3.95 -3.48
C15 53D B . 0.26 5.25 -1.27
C12 53D B . -3.74 0.44 0.57
C28 53D B . 4.19 -6.42 3.48
C29 53D B . 4.05 -4.02 4.10
N27 53D B . 3.91 -5.02 2.98
C26 53D B . 2.54 -4.91 2.32
C25 53D B . 1.37 -5.04 3.32
C24 53D B . 0.04 -4.93 2.58
O22 53D B . 0.78 -2.42 3.54
N23 53D B . -0.14 -3.65 1.88
C11 53D B . -2.44 1.08 0.86
C22 53D B . 0.29 -2.49 2.40
O4 53D B . 2.52 -1.34 0.75
F9 53D B . 3.20 2.70 -2.02
C6 53D B . -0.89 -0.59 1.46
N1 53D B . -1.09 0.53 0.75
C10 53D B . 2.29 0.98 -0.65
C9 53D B . 2.14 2.14 -1.33
H7 53D B . -1.10 2.91 -0.73
H132 53D B . -3.52 2.26 -0.73
H131 53D B . -2.49 1.05 -1.38
H211 53D B . -3.93 3.31 -1.52
H213 53D B . -4.29 3.25 -3.29
H212 53D B . -5.39 4.17 -2.18
H202 53D B . -3.76 5.83 -1.76
H201 53D B . -3.74 5.58 -3.56
H181 53D B . -1.55 4.41 -4.61
H182 53D B . -0.70 5.86 -3.82
H161 53D B . -1.50 6.42 -1.21
H162 53D B . -1.63 4.81 -0.35
H192 53D B . -0.11 2.88 -3.61
H191 53D B . 0.93 4.24 -4.25
H152 53D B . 0.66 6.20 -1.69
H151 53D B . 0.61 5.13 -0.22
H121 53D B . -4.65 0.81 1.03
H122 53D B . -4.12 -0.58 0.61
H282 53D B . 5.29 -6.59 3.50
H281 53D B . 3.71 -7.16 2.80
H283 53D B . 3.77 -6.54 4.51
H291 53D B . 3.65 -4.46 5.05
H293 53D B . 5.12 -3.76 4.23
H292 53D B . 3.47 -3.11 3.85
H261 53D B . 2.47 -5.74 1.57
H262 53D B . 2.49 -3.92 1.79
H252 53D B . 1.42 -4.23 4.10
H251 53D B . 1.41 -6.02 3.86
H242 53D B . -0.78 -4.98 3.35
H241 53D B . 0.02 -5.74 1.79
H23 53D B . -0.55 -3.66 0.96
H11 53D B . -2.07 1.79 1.55
H6 53D B . -1.75 -0.97 2.03
H10 53D B . 3.26 0.45 -0.64
H17 53D B . -2.01 3.70 -2.22
H27 53D B . 4.61 -4.81 2.24
H14 53D B . 1.83 4.36 -2.28
C5 53D B . 0.27 -1.31 1.60
C2 53D B . -0.09 1.06 0.08
C7 53D B . -0.21 2.28 -0.64
N14 53D B . 0.77 4.05 -2.08
C13 53D B . -3.09 1.21 -0.40
C8 53D B . 0.87 2.77 -1.32
C4 53D B . 1.39 -0.84 0.85
C3 53D B . 1.15 0.42 0.09
C21 53D B . -4.39 3.81 -2.33
C20 53D B . -3.54 5.05 -2.53
C18 53D B . -1.14 4.74 -3.65
N17 53D B . -2.03 4.65 -2.42
C16 53D B . -1.32 5.28 -1.22
C19 53D B . 0.11 3.87 -3.45
C15 53D B . 0.20 5.19 -1.25
C12 53D B . -3.77 0.39 0.65
C28 53D B . 2.90 -8.21 1.50
C29 53D B . 0.60 -8.87 0.87
N27 53D B . 1.50 -8.47 2.01
C26 53D B . 0.92 -7.28 2.77
C25 53D B . 0.62 -6.08 1.85
C24 53D B . 0.05 -4.94 2.71
O22 53D B . 0.78 -2.44 3.61
N23 53D B . -0.14 -3.68 1.98
C11 53D B . -2.46 1.04 0.93
C22 53D B . 0.29 -2.52 2.48
O4 53D B . 2.50 -1.36 0.81
F9 53D B . 3.14 2.65 -2.00
C6 53D B . -0.90 -0.64 1.54
N1 53D B . -1.13 0.49 0.81
C10 53D B . 2.24 0.93 -0.61
C9 53D B . 2.09 2.10 -1.31
H7 53D B . -1.15 2.84 -0.68
H132 53D B . -3.56 2.20 -0.66
H131 53D B . -2.54 0.98 -1.31
H211 53D B . -5.45 4.10 -2.11
H213 53D B . -3.99 3.25 -1.46
H212 53D B . -4.36 3.17 -3.23
H202 53D B . -3.83 5.76 -1.72
H201 53D B . -3.83 5.50 -3.52
H181 53D B . -1.63 4.33 -4.56
H182 53D B . -0.79 5.79 -3.79
H161 53D B . -1.56 6.35 -1.18
H162 53D B . -1.68 4.75 -0.31
H192 53D B . -0.19 2.81 -3.57
H191 53D B . 0.84 4.16 -4.22
H152 53D B . 0.58 6.15 -1.68
H151 53D B . 0.56 5.08 -0.20
H121 53D B . -4.67 0.76 1.12
H122 53D B . -4.15 -0.63 0.69
H282 53D B . 3.44 -9.18 1.41
H281 53D B . 3.44 -7.56 2.22
H283 53D B . 2.85 -7.71 0.52
H291 53D B . 0.85 -8.29 -0.04
H293 53D B . 0.73 -9.95 0.67
H292 53D B . -0.45 -8.68 1.16
H261 53D B . 1.69 -6.99 3.54
H262 53D B . -0.01 -7.63 3.28
H252 53D B . -0.13 -6.36 1.07
H251 53D B . 1.54 -5.73 1.33
H242 53D B . 0.83 -4.71 3.50
H241 53D B . -0.95 -5.26 3.09
H23 53D B . -0.57 -3.70 1.05
H11 53D B . -2.10 1.75 1.60
H6 53D B . -1.76 -1.00 2.11
H10 53D B . 3.22 0.41 -0.60
H17 53D B . -2.08 3.63 -2.18
H27 53D B . 1.57 -9.26 2.69
H14 53D B . 1.76 4.31 -2.27
C5 53D B . 0.49 -1.24 1.36
C2 53D B . 0.12 1.13 -0.17
C7 53D B . -0.01 2.34 -0.90
N14 53D B . 0.97 4.09 -2.37
C13 53D B . -2.89 1.28 -0.60
C8 53D B . 1.08 2.82 -1.61
C4 53D B . 1.60 -0.77 0.57
C3 53D B . 1.35 0.47 -0.19
C21 53D B . -4.16 3.91 -2.08
C20 53D B . -3.34 5.13 -2.48
C18 53D B . -1.05 4.76 -3.82
N17 53D B . -1.81 4.74 -2.50
C16 53D B . -1.01 5.46 -1.43
C19 53D B . 0.23 3.93 -3.69
C15 53D B . 0.51 5.28 -1.54
C12 53D B . -3.56 0.47 0.47
C28 53D B . 1.64 -6.94 -1.36
C29 53D B . 2.76 -8.05 0.56
N27 53D B . 2.57 -6.75 -0.18
C26 53D B . 2.11 -5.65 0.76
C25 53D B . 0.82 -6.04 1.54
C24 53D B . 0.42 -4.87 2.45
O22 53D B . 0.91 -2.32 3.41
N23 53D B . 0.20 -3.64 1.72
C11 53D B . -2.24 1.13 0.72
C22 53D B . 0.51 -2.44 2.23
O4 53D B . 2.70 -1.31 0.52
F9 53D B . 3.32 2.68 -2.33
C6 53D B . -0.68 -0.55 1.31
N1 53D B . -0.91 0.57 0.58
C10 53D B . 2.43 0.99 -0.91
C9 53D B . 2.28 2.14 -1.61
H7 53D B . -0.95 2.91 -0.93
H132 53D B . -3.36 2.26 -0.87
H131 53D B . -2.35 1.05 -1.52
H211 53D B . -4.15 3.16 -2.89
H213 53D B . -5.22 4.22 -1.87
H212 53D B . -3.72 3.47 -1.16
H202 53D B . -3.54 5.91 -1.71
H201 53D B . -3.73 5.49 -3.47
H181 53D B . -1.62 4.30 -4.65
H182 53D B . -0.73 5.80 -4.06
H161 53D B . -1.19 6.55 -1.51
H162 53D B . -1.32 5.07 -0.43
H192 53D B . -0.04 2.86 -3.82
H191 53D B . 0.91 4.25 -4.51
H152 53D B . 0.92 6.20 -2.00
H151 53D B . 0.91 5.15 -0.50
H121 53D B . -4.45 0.86 0.95
H122 53D B . -3.94 -0.54 0.54
H282 53D B . 2.21 -7.35 -2.22
H281 53D B . 1.20 -5.95 -1.64
H283 53D B . 0.82 -7.64 -1.08
H291 53D B . 1.79 -8.61 0.57
H293 53D B . 3.53 -8.66 0.03
H292 53D B . 3.08 -7.85 1.60
H261 53D B . 1.90 -4.75 0.14
H262 53D B . 2.94 -5.44 1.47
H252 53D B . 0.99 -6.96 2.16
H251 53D B . -0.02 -6.27 0.84
H242 53D B . 1.30 -4.68 3.13
H241 53D B . -0.55 -5.13 2.97
H23 53D B . -0.14 -3.69 0.76
H11 53D B . -1.85 1.84 1.39
H6 53D B . -1.53 -0.92 1.90
H10 53D B . 3.39 0.45 -0.91
H17 53D B . -1.82 3.74 -2.19
H27 53D B . 3.48 -6.44 -0.56
H14 53D B . 1.96 4.31 -2.62
C5 53D B . 0.48 -1.19 1.34
C2 53D B . 0.13 1.19 -0.19
C7 53D B . 0.02 2.40 -0.92
N14 53D B . 1.01 4.15 -2.37
C13 53D B . -2.87 1.36 -0.64
C8 53D B . 1.10 2.88 -1.60
C4 53D B . 1.59 -0.74 0.56
C3 53D B . 1.37 0.52 -0.20
C21 53D B . -4.13 4.00 -2.12
C20 53D B . -3.29 5.22 -2.50
C18 53D B . -0.99 4.84 -3.81
N17 53D B . -1.75 4.82 -2.51
C16 53D B . -0.96 5.52 -1.43
C19 53D B . 0.28 4.00 -3.69
C15 53D B . 0.55 5.35 -1.52
C12 53D B . -3.55 0.55 0.42
C28 53D B . 2.91 -5.45 6.04
C29 53D B . 4.22 -6.07 4.02
N27 53D B . 2.97 -6.35 4.82
C26 53D B . 1.73 -6.24 3.95
C25 53D B . 1.63 -4.88 3.22
C24 53D B . 0.35 -4.85 2.39
O22 53D B . 0.90 -2.30 3.37
N23 53D B . 0.15 -3.59 1.67
C11 53D B . -2.23 1.18 0.69
C22 53D B . 0.48 -2.40 2.21
O4 53D B . 2.69 -1.28 0.51
F9 53D B . 3.36 2.72 -2.31
C6 53D B . -0.68 -0.50 1.28
N1 53D B . -0.90 0.62 0.56
C10 53D B . 2.45 1.03 -0.91
C9 53D B . 2.31 2.19 -1.60
H7 53D B . -0.92 2.98 -0.94
H132 53D B . -3.34 2.35 -0.90
H131 53D B . -2.33 1.13 -1.56
H211 53D B . -4.11 3.26 -2.94
H213 53D B . -5.17 4.31 -1.90
H212 53D B . -3.68 3.56 -1.20
H202 53D B . -3.48 6.00 -1.73
H201 53D B . -3.66 5.58 -3.49
H181 53D B . -1.55 4.39 -4.66
H182 53D B . -0.66 5.89 -4.05
H161 53D B . -1.13 6.62 -1.50
H162 53D B . -1.29 5.13 -0.43
H192 53D B . 0.01 2.93 -3.83
H191 53D B . 0.97 4.32 -4.51
H152 53D B . 0.98 6.27 -1.97
H151 53D B . 0.95 5.21 -0.49
H121 53D B . -4.44 0.93 0.90
H122 53D B . -3.94 -0.46 0.48
H282 53D B . 1.86 -5.38 6.38
H281 53D B . 3.30 -4.44 5.77
H283 53D B . 3.54 -5.88 6.85
H291 53D B . 4.07 -6.42 2.97
H293 53D B . 4.43 -4.98 4.02
H292 53D B . 5.08 -6.63 4.48
H261 53D B . 0.85 -6.37 4.63
H262 53D B . 1.76 -7.08 3.20
H252 53D B . 2.51 -4.72 2.54
H251 53D B . 1.61 -4.03 3.95
H242 53D B . -0.51 -4.93 3.10
H241 53D B . 0.42 -5.67 1.61
H23 53D B . -0.19 -3.62 0.72
H11 53D B . -1.85 1.90 1.36
H6 53D B . -1.54 -0.86 1.86
H10 53D B . 3.41 0.49 -0.92
H17 53D B . -1.77 3.82 -2.20
H27 53D B . 3.00 -7.34 5.17
H14 53D B . 2.01 4.36 -2.61
C5 53D B . 0.41 -1.02 1.35
C2 53D B . 0.28 1.34 -0.21
C7 53D B . 0.28 2.54 -0.96
N14 53D B . 1.45 4.25 -2.33
C13 53D B . -2.68 1.61 -0.94
C8 53D B . 1.43 2.98 -1.55
C4 53D B . 1.60 -0.62 0.68
C3 53D B . 1.50 0.64 -0.11
C21 53D B . -3.59 3.92 -3.38
C20 53D B . -2.74 5.17 -3.47
C18 53D B . -0.19 4.89 -4.20
N17 53D B . -1.25 4.81 -3.11
C16 53D B . -0.76 5.47 -1.84
C19 53D B . 1.03 4.07 -3.79
C15 53D B . 0.75 5.40 -1.62
C12 53D B . -3.47 0.84 0.07
C28 53D B . 2.63 -5.88 5.56
C29 53D B . 3.30 -6.75 3.33
N27 53D B . 2.22 -6.73 4.38
C26 53D B . 0.88 -6.29 3.79
C25 53D B . 0.98 -4.93 3.06
C24 53D B . -0.40 -4.56 2.51
O22 53D B . 0.94 -2.26 3.29
N23 53D B . -0.43 -3.27 1.82
C11 53D B . -2.16 1.44 0.44
C22 53D B . 0.30 -2.22 2.24
O4 53D B . 2.69 -1.20 0.74
F9 53D B . 3.74 2.75 -2.05
C6 53D B . -0.72 -0.30 1.18
N1 53D B . -0.83 0.82 0.43
C10 53D B . 2.66 1.10 -0.72
C9 53D B . 2.62 2.26 -1.43
H7 53D B . -0.64 3.15 -1.08
H132 53D B . -3.07 2.62 -1.25
H131 53D B . -2.07 1.35 -1.80
H211 53D B . -4.67 4.17 -3.34
H213 53D B . -3.30 3.36 -2.45
H212 53D B . -3.40 3.26 -4.27
H202 53D B . -3.16 5.90 -2.72
H201 53D B . -2.88 5.60 -4.49
H181 53D B . -0.53 4.46 -5.16
H182 53D B . 0.17 5.94 -4.30
H161 53D B . -1.01 6.55 -1.87
H162 53D B . -1.26 4.96 -0.98
H192 53D B . 0.79 2.99 -3.95
H191 53D B . 1.88 4.38 -4.44
H152 53D B . 1.18 6.36 -2.00
H151 53D B . 0.93 5.31 -0.53
H121 53D B . -4.38 1.27 0.47
H122 53D B . -3.90 -0.15 0.10
H282 53D B . 3.29 -6.48 6.23
H281 53D B . 1.73 -5.56 6.12
H283 53D B . 3.19 -4.99 5.19
H291 53D B . 4.07 -7.51 3.62
H293 53D B . 2.85 -7.03 2.35
H292 53D B . 3.77 -5.75 3.26
H261 53D B . 0.16 -6.21 4.64
H262 53D B . 0.55 -7.10 3.08
H252 53D B . 1.71 -4.98 2.21
H251 53D B . 1.32 -4.12 3.76
H242 53D B . -1.09 -4.46 3.40
H241 53D B . -0.70 -5.35 1.76
H23 53D B . -0.96 -3.19 0.96
H11 53D B . -1.81 2.14 1.13
H6 53D B . -1.64 -0.62 1.69
H10 53D B . 3.61 0.54 -0.64
H17 53D B . -1.32 3.80 -2.86
H27 53D B . 2.07 -7.70 4.75
H14 53D B . 2.46 4.51 -2.36
C5 53D B . 0.48 -1.17 1.46
C2 53D B . 0.24 1.19 -0.10
C7 53D B . 0.17 2.39 -0.85
N14 53D B . 1.25 4.14 -2.24
C13 53D B . -2.75 1.37 -0.75
C8 53D B . 1.30 2.88 -1.46
C4 53D B . 1.65 -0.71 0.76
C3 53D B . 1.48 0.53 -0.02
C21 53D B . -3.90 3.93 -2.85
C20 53D B . -3.03 5.17 -3.00
C18 53D B . -0.55 4.83 -3.94
N17 53D B . -1.52 4.76 -2.77
C16 53D B . -0.91 5.39 -1.54
C19 53D B . 0.67 3.97 -3.65
C15 53D B . 0.61 5.31 -1.45
C12 53D B . -3.49 0.55 0.27
C28 53D B . 2.37 -8.31 1.23
C29 53D B . -0.03 -8.73 0.78
N27 53D B . 1.00 -8.42 1.84
C26 53D B . 0.60 -7.18 2.63
C25 53D B . 0.35 -5.96 1.73
C24 53D B . -0.02 -4.75 2.60
O22 53D B . 1.03 -2.34 3.43
N23 53D B . -0.14 -3.49 1.88
C11 53D B . -2.19 1.20 0.61
C22 53D B . 0.45 -2.37 2.34
O4 53D B . 2.75 -1.27 0.79
F9 53D B . 3.60 2.74 -2.02
C6 53D B . -0.68 -0.49 1.32
N1 53D B . -0.85 0.63 0.57
C10 53D B . 2.61 1.04 -0.67
C9 53D B . 2.50 2.20 -1.37
H7 53D B . -0.77 2.98 -0.94
H132 53D B . -3.18 2.37 -1.02
H131 53D B . -2.15 1.13 -1.62
H211 53D B . -4.97 4.22 -2.70
H213 53D B . -3.55 3.37 -1.94
H212 53D B . -3.79 3.27 -3.74
H202 53D B . -3.36 5.89 -2.22
H201 53D B . -3.23 5.60 -4.01
H181 53D B . -0.98 4.42 -4.88
H182 53D B . -0.18 5.87 -4.06
H161 53D B . -1.14 6.49 -1.54
H162 53D B . -1.34 4.88 -0.66
H192 53D B . 0.39 2.90 -3.78
H191 53D B . 1.47 4.24 -4.38
H152 53D B . 1.03 6.26 -1.86
H151 53D B . 0.89 5.19 -0.39
H121 53D B . -4.40 0.94 0.70
H122 53D B . -3.88 -0.46 0.30
H282 53D B . 2.80 -9.34 1.10
H281 53D B . 3.03 -7.72 1.91
H283 53D B . 2.29 -7.81 0.24
H291 53D B . -1.04 -8.42 1.14
H293 53D B . 0.21 -8.18 -0.15
H292 53D B . -0.03 -9.83 0.58
H261 53D B . 1.46 -6.96 3.33
H262 53D B . -0.32 -7.42 3.22
H252 53D B . -0.48 -6.16 1.00
H251 53D B . 1.26 -5.70 1.12
H242 53D B . 0.84 -4.61 3.33
H241 53D B . -1.02 -4.97 3.07
H23 53D B . -0.64 -3.47 1.00
H11 53D B . -1.85 1.92 1.31
H6 53D B . -1.57 -0.84 1.84
H10 53D B . 3.58 0.52 -0.61
H17 53D B . -1.60 3.74 -2.54
H27 53D B . 1.03 -9.21 2.53
H14 53D B . 2.24 4.41 -2.36
C5 53D B . 0.28 -1.25 1.54
C2 53D B . 0.17 1.09 -0.06
C7 53D B . 0.17 2.28 -0.83
N14 53D B . 1.34 3.95 -2.25
C13 53D B . -2.78 1.40 -0.74
C8 53D B . 1.32 2.70 -1.45
C4 53D B . 1.47 -0.87 0.84
C3 53D B . 1.38 0.37 0.04
C21 53D B . -3.64 4.45 -4.22
C20 53D B . -2.79 3.54 -3.32
C18 53D B . -0.32 4.09 -4.17
N17 53D B . -1.28 3.86 -3.02
C16 53D B . -1.02 4.91 -1.96
C19 53D B . 1.08 3.70 -3.73
C15 53D B . 0.48 5.07 -1.66
C12 53D B . -3.58 0.67 0.29
C28 53D B . 4.49 -5.61 1.85
C29 53D B . 3.41 -6.61 3.84
N27 53D B . 3.45 -5.42 2.91
C26 53D B . 2.06 -5.13 2.32
C25 53D B . 0.95 -5.08 3.40
C24 53D B . -0.40 -4.80 2.71
O22 53D B . 0.73 -2.40 3.56
N23 53D B . -0.44 -3.54 1.99
C11 53D B . -2.25 1.24 0.63
C22 53D B . 0.17 -2.43 2.44
O4 53D B . 2.55 -1.47 0.88
F9 53D B . 3.62 2.42 -1.99
C6 53D B . -0.84 -0.51 1.38
N1 53D B . -0.95 0.60 0.62
C10 53D B . 2.52 0.81 -0.60
C9 53D B . 2.50 1.96 -1.34
H7 53D B . -0.72 2.91 -0.94
H132 53D B . -3.15 2.41 -1.07
H131 53D B . -2.19 1.10 -1.61
H211 53D B . -3.09 4.82 -5.11
H213 53D B . -4.04 5.32 -3.64
H212 53D B . -4.52 3.86 -4.58
H202 53D B . -2.84 2.50 -3.74
H201 53D B . -3.30 3.53 -2.33
H181 53D B . -0.56 3.46 -5.06
H182 53D B . -0.29 5.17 -4.42
H161 53D B . -1.37 5.90 -2.32
H162 53D B . -1.52 4.62 -1.02
H192 53D B . 1.22 2.61 -3.92
H191 53D B . 1.81 4.29 -4.32
H152 53D B . 0.81 6.04 -2.10
H151 53D B . 0.61 5.09 -0.55
H121 53D B . -4.48 1.12 0.69
H122 53D B . -4.03 -0.32 0.34
H282 53D B . 4.27 -4.97 0.97
H281 53D B . 4.51 -6.68 1.54
H283 53D B . 5.49 -5.34 2.25
H291 53D B . 3.57 -7.54 3.26
H293 53D B . 4.21 -6.49 4.61
H292 53D B . 2.42 -6.66 4.35
H261 53D B . 1.84 -5.96 1.61
H262 53D B . 2.13 -4.16 1.77
H252 53D B . 1.15 -4.26 4.14
H251 53D B . 0.88 -6.04 3.96
H242 53D B . -1.17 -4.72 3.54
H241 53D B . -0.57 -5.63 1.96
H23 53D B . -0.89 -3.52 1.09
H11 53D B . -1.88 1.96 1.31
H6 53D B . -1.75 -0.81 1.91
H10 53D B . 3.45 0.23 -0.53
H17 53D B . -0.96 2.97 -2.57
H27 53D B . 3.71 -4.57 3.45
H14 53D B . 2.33 4.29 -2.17
C5 53D B . 0.65 -1.07 1.16
C2 53D B . 0.46 1.32 -0.37
C7 53D B . 0.42 2.54 -1.10
N14 53D B . 1.56 4.28 -2.46
C13 53D B . -2.52 1.57 -1.03
C8 53D B . 1.57 3.00 -1.71
C4 53D B . 1.82 -0.63 0.47
C3 53D B . 1.68 0.63 -0.29
C21 53D B . -3.48 3.85 -3.42
C20 53D B . -2.68 5.14 -3.51
C18 53D B . -0.13 4.92 -4.28
N17 53D B . -1.17 4.80 -3.18
C16 53D B . -0.67 5.45 -1.91
C19 53D B . 1.11 4.12 -3.92
C15 53D B . 0.84 5.42 -1.72
C12 53D B . -3.27 0.78 -0.01
C28 53D B . 4.02 -6.11 3.83
C29 53D B . 2.80 -7.92 5.02
N27 53D B . 2.75 -6.48 4.54
C26 53D B . 1.50 -6.23 3.71
C25 53D B . 1.50 -4.86 2.99
C24 53D B . 0.21 -4.70 2.19
O22 53D B . 1.02 -2.22 3.17
N23 53D B . 0.11 -3.42 1.50
C11 53D B . -1.96 1.38 0.33
C22 53D B . 0.57 -2.27 2.02
O4 53D B . 2.91 -1.21 0.50
F9 53D B . 3.87 2.81 -2.26
C6 53D B . -0.49 -0.35 1.02
N1 53D B . -0.64 0.78 0.29
C10 53D B . 2.83 1.12 -0.92
C9 53D B . 2.76 2.28 -1.62
H7 53D B . -0.50 3.14 -1.18
H132 53D B . -2.92 2.57 -1.31
H131 53D B . -1.92 1.32 -1.91
H211 53D B . -4.57 4.08 -3.34
H213 53D B . -3.16 3.30 -2.51
H212 53D B . -3.30 3.22 -4.32
H202 53D B . -3.10 5.83 -2.74
H201 53D B . -2.83 5.58 -4.52
H181 53D B . -0.48 4.50 -5.26
H182 53D B . 0.20 5.98 -4.39
H161 53D B . -0.93 6.54 -1.92
H162 53D B . -1.14 4.93 -1.05
H192 53D B . 0.90 3.04 -4.09
H191 53D B . 1.95 4.46 -4.57
H152 53D B . 1.26 6.37 -2.09
H151 53D B . 1.05 5.31 -0.63
H121 53D B . -4.18 1.19 0.42
H122 53D B . -3.70 -0.22 0.02
H282 53D B . 4.80 -5.84 4.59
H281 53D B . 3.84 -5.23 3.17
H283 53D B . 4.38 -6.96 3.23
H291 53D B . 1.77 -8.29 5.17
H293 53D B . 3.33 -8.54 4.25
H292 53D B . 3.37 -7.96 5.98
H261 53D B . 0.62 -6.28 4.41
H262 53D B . 1.42 -7.06 2.95
H252 53D B . 2.37 -4.77 2.29
H251 53D B . 1.59 -4.02 3.73
H242 53D B . -0.64 -4.72 2.95
H241 53D B . 0.18 -5.51 1.41
H23 53D B . -0.27 -3.42 0.55
H11 53D B . -1.61 2.08 1.03
H6 53D B . -1.39 -0.69 1.54
H10 53D B . 3.78 0.56 -0.87
H17 53D B . -1.21 3.78 -2.95
H27 53D B . 2.67 -5.85 5.38
H14 53D B . 2.56 4.55 -2.50
C5 53D B . 0.71 -1.39 1.47
C2 53D B . 0.51 1.01 -0.05
C7 53D B . 0.47 2.22 -0.77
N14 53D B . 1.60 3.97 -2.15
C13 53D B . -2.47 1.27 -0.66
C8 53D B . 1.61 2.69 -1.39
C4 53D B . 1.88 -0.95 0.76
C3 53D B . 1.73 0.32 0.01
C21 53D B . 2.98 7.74 -4.78
C20 53D B . 2.67 6.36 -4.22
C18 53D B . 0.52 4.91 -4.12
N17 53D B . 1.16 6.23 -3.79
C16 53D B . 0.88 6.39 -2.31
C19 53D B . 1.44 3.78 -3.66
C15 53D B . 0.56 5.02 -1.71
C12 53D B . -3.22 0.46 0.36
C28 53D B . 0.64 -8.87 0.54
C29 53D B . 1.37 -9.86 2.69
N27 53D B . 1.41 -8.64 1.81
C26 53D B . 0.93 -7.41 2.58
C25 53D B . 0.70 -6.17 1.66
C24 53D B . 0.24 -4.99 2.54
O22 53D B . 1.15 -2.58 3.46
N23 53D B . 0.13 -3.73 1.82
C11 53D B . -1.90 1.06 0.69
C22 53D B . 0.65 -2.60 2.33
O4 53D B . 2.97 -1.53 0.78
F9 53D B . 3.89 2.49 -1.97
C6 53D B . -0.43 -0.67 1.35
N1 53D B . -0.58 0.46 0.63
C10 53D B . 2.88 0.80 -0.64
C9 53D B . 2.79 1.98 -1.33
H7 53D B . -0.46 2.82 -0.83
H132 53D B . -2.89 2.29 -0.91
H131 53D B . -1.90 1.03 -1.56
H211 53D B . 2.60 7.81 -5.83
H213 53D B . 4.08 7.91 -4.78
H212 53D B . 2.48 8.53 -4.17
H202 53D B . 3.33 6.17 -3.35
H201 53D B . 2.89 5.62 -5.02
H181 53D B . -0.35 4.84 -3.42
H182 53D B . 0.24 4.81 -5.18
H161 53D B . 1.75 6.84 -1.77
H162 53D B . -0.02 7.04 -2.19
H192 53D B . 0.96 2.80 -3.87
H191 53D B . 2.43 3.88 -4.15
H152 53D B . 0.52 5.09 -0.62
H151 53D B . -0.43 4.72 -2.11
H121 53D B . -4.12 0.86 0.80
H122 53D B . -3.64 -0.54 0.37
H282 53D B . 1.28 -9.43 -0.19
H281 53D B . 0.33 -7.90 0.09
H283 53D B . -0.27 -9.48 0.75
H291 53D B . 2.15 -10.58 2.34
H293 53D B . 1.57 -9.57 3.75
H292 53D B . 0.37 -10.35 2.62
H261 53D B . 1.72 -7.17 3.33
H262 53D B . -0.02 -7.68 3.11
H252 53D B . -0.08 -6.39 0.88
H251 53D B . 1.65 -5.89 1.14
H242 53D B . 1.03 -4.84 3.32
H241 53D B . -0.79 -5.24 2.94
H23 53D B . -0.30 -3.71 0.91
H11 53D B . -1.55 1.75 1.39
H6 53D B . -1.32 -1.01 1.88
H10 53D B . 3.82 0.25 -0.59
H17 53D B . 0.65 6.99 -4.30
H27 53D B . 2.40 -8.44 1.54
H14 53D B . 2.54 4.39 -2.00
C5 53D B . 0.28 -1.38 1.64
C2 53D B . -0.07 1.00 0.12
C7 53D B . -0.18 2.21 -0.60
N14 53D B . 0.76 3.99 -2.02
C13 53D B . -3.06 1.17 -0.37
C8 53D B . 0.90 2.71 -1.28
C4 53D B . 1.41 -0.90 0.88
C3 53D B . 1.18 0.35 0.12
C21 53D B . -0.59 7.90 -2.11
C20 53D B . -1.86 7.16 -2.52
C18 53D B . -0.99 4.92 -3.70
N17 53D B . -1.78 5.59 -2.57
C16 53D B . -1.37 4.97 -1.27
C19 53D B . -0.04 3.78 -3.31
C15 53D B . 0.13 5.08 -1.15
C12 53D B . -3.76 0.33 0.67
C28 53D B . -2.84 -6.82 5.64
C29 53D B . -1.11 -5.54 6.88
N27 53D B . -1.37 -6.67 5.91
C26 53D B . -0.55 -6.48 4.65
C25 53D B . -0.79 -5.11 3.98
C24 53D B . 0.06 -5.01 2.69
O22 53D B . 0.79 -2.51 3.64
N23 53D B . -0.14 -3.76 1.99
C11 53D B . -2.45 0.98 0.95
C22 53D B . 0.29 -2.59 2.50
O4 53D B . 2.51 -1.43 0.84
F9 53D B . 3.17 2.60 -1.96
C6 53D B . -0.88 -0.70 1.56
N1 53D B . -1.11 0.43 0.84
C10 53D B . 2.27 0.88 -0.57
C9 53D B . 2.12 2.04 -1.26
H7 53D B . -1.13 2.79 -0.64
H132 53D B . -3.54 2.16 -0.62
H131 53D B . -2.52 0.95 -1.29
H211 53D B . 0.33 7.26 -2.20
H213 53D B . -0.66 8.27 -1.06
H212 53D B . -0.45 8.80 -2.76
H202 53D B . -2.24 7.57 -3.49
H201 53D B . -2.62 7.38 -1.73
H181 53D B . -1.74 4.46 -4.37
H182 53D B . -0.37 5.66 -4.24
H161 53D B . -1.87 5.49 -0.42
H162 53D B . -1.66 3.90 -1.33
H192 53D B . -0.63 2.85 -3.20
H191 53D B . 0.70 3.68 -4.14
H152 53D B . 0.44 6.06 -1.59
H151 53D B . 0.45 4.99 -0.09
H121 53D B . -4.65 0.71 1.14
H122 53D B . -4.13 -0.69 0.70
H282 53D B . -3.31 -5.81 5.59
H281 53D B . -3.31 -7.40 6.45
H283 53D B . -2.99 -7.34 4.67
H291 53D B . -1.81 -4.70 6.67
H293 53D B . -1.28 -5.90 7.92
H292 53D B . -0.07 -5.18 6.77
H261 53D B . -0.84 -7.29 3.94
H262 53D B . 0.53 -6.59 4.91
H252 53D B . -0.51 -4.27 4.66
H251 53D B . -1.87 -4.98 3.70
H242 53D B . -0.31 -5.83 2.01
H241 53D B . 1.14 -5.05 2.98
H23 53D B . -0.55 -3.78 1.08
H11 53D B . -2.08 1.69 1.64
H6 53D B . -1.75 -1.07 2.13
H10 53D B . 3.24 0.35 -0.56
H17 53D B . -2.78 5.31 -2.71
H27 53D B . -1.04 -7.56 6.34
H14 53D B . 1.72 4.29 -2.27
#